data_3LH5
#
_entry.id   3LH5
#
_cell.length_a   125.800
_cell.length_b   125.800
_cell.length_c   35.600
_cell.angle_alpha   90.00
_cell.angle_beta   90.00
_cell.angle_gamma   120.00
#
_symmetry.space_group_name_H-M   'P 64'
#
loop_
_entity.id
_entity.type
_entity.pdbx_description
1 polymer 'Tight junction protein ZO-1'
2 water water
#
_entity_poly.entity_id   1
_entity_poly.type   'polypeptide(L)'
_entity_poly.pdbx_seq_one_letter_code
;GDSFYIRTHFEYEKESPYGLSFNKGEVFRVVDTLYNGKLGSWLAIRIGKNHKEVERGIIPNKNRAEQLASVQYVQTKFPA
YERVVLREAGFLRPVTIFGPIADVAREKLAREEPDIYQIAKSEPRDAGTDQRSSGIIRLHTIKQIIDQDKHALLDVTPNA
VDRLNYAQWYPIVVFLNPDSKQGVKTMRMRLCPESRKSARKLYERSHKLRKNNHHLFTTTINLNSMNDGWYGALKEAIQQ
QQNQLVWVSEG
;
_entity_poly.pdbx_strand_id   A
#
# COMPACT_ATOMS: atom_id res chain seq x y z
N GLY A 1 15.50 24.85 -1.05
CA GLY A 1 15.19 26.11 -0.31
C GLY A 1 14.56 25.79 1.03
N ASP A 2 13.42 26.43 1.31
CA ASP A 2 12.68 26.21 2.57
C ASP A 2 12.13 24.78 2.75
N SER A 3 11.69 24.18 1.65
CA SER A 3 10.76 23.03 1.70
C SER A 3 11.32 21.72 2.28
N PHE A 4 10.41 20.93 2.84
CA PHE A 4 10.66 19.55 3.24
C PHE A 4 9.40 18.75 2.94
N TYR A 5 9.54 17.43 2.88
CA TYR A 5 8.40 16.56 2.60
C TYR A 5 7.91 15.75 3.80
N ILE A 6 6.60 15.53 3.84
CA ILE A 6 5.98 14.72 4.87
C ILE A 6 5.05 13.66 4.28
N ARG A 7 4.78 12.62 5.08
CA ARG A 7 3.73 11.64 4.78
C ARG A 7 2.68 11.69 5.89
N THR A 8 1.41 11.76 5.51
CA THR A 8 0.32 11.78 6.46
C THR A 8 -0.02 10.36 6.93
N HIS A 9 -0.43 10.24 8.20
CA HIS A 9 -0.89 8.97 8.77
C HIS A 9 -2.21 9.17 9.48
N PHE A 10 -2.95 10.16 9.02
CA PHE A 10 -4.33 10.37 9.43
C PHE A 10 -5.16 10.90 8.25
N GLU A 11 -6.46 10.67 8.30
CA GLU A 11 -7.36 11.21 7.29
C GLU A 11 -7.79 12.61 7.73
N TYR A 12 -7.96 13.51 6.78
CA TYR A 12 -8.32 14.89 7.09
C TYR A 12 -9.20 15.49 6.02
N GLU A 13 -10.22 16.21 6.46
CA GLU A 13 -11.09 16.90 5.54
C GLU A 13 -10.89 18.40 5.71
N LYS A 14 -10.68 19.10 4.61
CA LYS A 14 -10.54 20.57 4.64
C LYS A 14 -11.77 21.27 5.21
N GLU A 15 -11.55 22.29 6.03
CA GLU A 15 -12.65 23.18 6.42
C GLU A 15 -12.48 24.59 5.85
N SER A 16 -11.47 24.75 5.01
CA SER A 16 -11.31 25.96 4.21
C SER A 16 -11.22 25.59 2.74
N PRO A 17 -11.84 26.38 1.84
CA PRO A 17 -11.76 26.09 0.40
C PRO A 17 -10.36 26.21 -0.21
N TYR A 18 -9.41 26.79 0.52
CA TYR A 18 -8.04 26.90 0.03
C TYR A 18 -7.18 25.80 0.62
N GLY A 19 -7.83 24.91 1.37
CA GLY A 19 -7.14 23.78 1.98
C GLY A 19 -7.10 22.58 1.06
N LEU A 20 -6.41 21.53 1.50
CA LEU A 20 -6.37 20.25 0.77
C LEU A 20 -6.73 19.13 1.72
N SER A 21 -7.76 18.37 1.37
CA SER A 21 -8.09 17.13 2.08
C SER A 21 -7.02 16.11 1.74
N PHE A 22 -6.84 15.14 2.61
CA PHE A 22 -6.00 14.01 2.29
C PHE A 22 -6.43 12.73 2.98
N ASN A 23 -6.08 11.62 2.34
CA ASN A 23 -6.12 10.28 2.93
C ASN A 23 -4.84 10.02 3.72
N LYS A 24 -4.77 8.88 4.40
CA LYS A 24 -3.51 8.41 4.97
C LYS A 24 -2.55 8.01 3.85
N GLY A 25 -1.25 8.13 4.12
CA GLY A 25 -0.21 7.72 3.18
C GLY A 25 0.16 8.71 2.10
N GLU A 26 -0.56 9.83 2.00
CA GLU A 26 -0.22 10.87 1.01
C GLU A 26 1.02 11.69 1.37
N VAL A 27 1.80 12.02 0.36
CA VAL A 27 3.01 12.81 0.50
C VAL A 27 2.74 14.25 0.14
N PHE A 28 3.44 15.14 0.84
CA PHE A 28 3.31 16.58 0.65
C PHE A 28 4.67 17.25 0.73
N ARG A 29 4.92 18.15 -0.20
CA ARG A 29 6.01 19.09 -0.07
C ARG A 29 5.51 20.28 0.77
N VAL A 30 6.02 20.44 1.99
CA VAL A 30 5.64 21.60 2.77
C VAL A 30 6.47 22.80 2.31
N VAL A 31 5.81 23.73 1.65
CA VAL A 31 6.47 24.82 0.94
C VAL A 31 6.66 26.09 1.77
N ASP A 32 5.81 26.27 2.78
CA ASP A 32 5.82 27.46 3.61
C ASP A 32 5.06 27.20 4.90
N THR A 33 5.73 27.39 6.03
CA THR A 33 5.16 27.18 7.36
C THR A 33 4.18 28.30 7.76
N LEU A 34 4.04 29.30 6.89
CA LEU A 34 3.15 30.44 7.10
C LEU A 34 3.25 31.03 8.50
N TYR A 35 4.29 31.82 8.71
CA TYR A 35 4.60 32.43 10.00
C TYR A 35 4.74 31.35 11.09
N ASN A 36 5.54 30.33 10.77
CA ASN A 36 5.94 29.32 11.75
C ASN A 36 4.79 28.52 12.37
N GLY A 37 3.76 28.29 11.57
CA GLY A 37 2.59 27.58 12.05
C GLY A 37 1.67 28.41 12.95
N LYS A 38 2.00 29.69 13.17
CA LYS A 38 1.27 30.53 14.14
C LYS A 38 -0.18 30.81 13.77
N LEU A 39 -0.54 30.55 12.51
CA LEU A 39 -1.93 30.65 12.08
C LEU A 39 -2.60 29.26 12.04
N GLY A 40 -1.94 28.23 12.58
CA GLY A 40 -2.50 26.87 12.62
C GLY A 40 -2.28 26.03 11.37
N SER A 41 -1.77 26.64 10.31
CA SER A 41 -1.69 26.01 9.00
C SER A 41 -0.27 25.95 8.38
N TRP A 42 -0.07 25.05 7.42
CA TRP A 42 1.11 25.09 6.55
C TRP A 42 0.68 25.11 5.10
N LEU A 43 1.53 25.66 4.24
CA LEU A 43 1.32 25.60 2.79
C LEU A 43 2.01 24.35 2.25
N ALA A 44 1.21 23.49 1.63
CA ALA A 44 1.71 22.21 1.16
C ALA A 44 1.32 22.00 -0.28
N ILE A 45 2.07 21.16 -0.97
CA ILE A 45 1.74 20.70 -2.31
C ILE A 45 1.59 19.19 -2.28
N ARG A 46 0.46 18.70 -2.77
CA ARG A 46 0.22 17.26 -2.88
C ARG A 46 1.11 16.66 -3.97
N ILE A 47 1.80 15.56 -3.64
CA ILE A 47 2.62 14.84 -4.62
C ILE A 47 1.81 13.71 -5.23
N GLY A 48 1.79 13.63 -6.55
CA GLY A 48 0.98 12.63 -7.24
C GLY A 48 1.76 11.39 -7.52
N LYS A 49 1.12 10.43 -8.21
CA LYS A 49 1.82 9.24 -8.65
C LYS A 49 2.87 9.68 -9.67
N ASN A 50 3.97 8.93 -9.72
CA ASN A 50 5.19 9.36 -10.40
C ASN A 50 5.65 10.72 -9.89
N HIS A 51 5.38 10.96 -8.61
CA HIS A 51 5.95 12.07 -7.82
C HIS A 51 5.80 13.48 -8.40
N LYS A 52 4.74 13.71 -9.17
CA LYS A 52 4.51 15.02 -9.75
C LYS A 52 3.63 15.90 -8.84
N GLU A 53 3.84 17.21 -8.90
CA GLU A 53 3.19 18.16 -8.00
C GLU A 53 1.78 18.52 -8.48
N VAL A 54 0.76 18.01 -7.78
CA VAL A 54 -0.61 18.07 -8.29
C VAL A 54 -1.42 19.29 -7.84
N GLU A 55 -1.58 19.41 -6.53
CA GLU A 55 -2.45 20.41 -5.96
C GLU A 55 -1.71 21.19 -4.88
N ARG A 56 -1.99 22.49 -4.78
CA ARG A 56 -1.40 23.34 -3.74
C ARG A 56 -2.49 23.93 -2.85
N GLY A 57 -2.25 23.90 -1.54
CA GLY A 57 -3.18 24.44 -0.57
C GLY A 57 -2.63 24.37 0.84
N ILE A 58 -3.42 24.86 1.80
CA ILE A 58 -3.06 24.80 3.21
C ILE A 58 -3.52 23.50 3.89
N ILE A 59 -2.68 22.97 4.77
CA ILE A 59 -3.00 21.82 5.58
C ILE A 59 -2.79 22.20 7.06
N PRO A 60 -3.20 21.33 8.02
CA PRO A 60 -2.94 21.67 9.42
C PRO A 60 -1.45 21.70 9.74
N ASN A 61 -1.04 22.48 10.74
CA ASN A 61 0.35 22.46 11.18
C ASN A 61 0.60 21.21 12.04
N LYS A 62 1.83 21.04 12.54
CA LYS A 62 2.20 19.85 13.30
C LYS A 62 1.36 19.65 14.57
N ASN A 63 1.15 20.72 15.33
CA ASN A 63 0.36 20.64 16.55
C ASN A 63 -1.06 20.18 16.30
N ARG A 64 -1.74 20.87 15.38
CA ARG A 64 -3.11 20.51 15.03
C ARG A 64 -3.18 19.13 14.36
N ALA A 65 -2.17 18.78 13.56
CA ALA A 65 -2.10 17.43 12.98
C ALA A 65 -2.08 16.36 14.08
N GLU A 66 -1.11 16.46 14.99
CA GLU A 66 -0.97 15.54 16.14
C GLU A 66 -2.26 15.45 16.94
N GLN A 67 -2.94 16.59 17.05
CA GLN A 67 -4.20 16.67 17.79
C GLN A 67 -5.36 15.99 17.02
N LEU A 68 -5.44 16.21 15.70
CA LEU A 68 -6.49 15.63 14.86
C LEU A 68 -6.39 14.12 14.74
N ALA A 69 -5.17 13.61 14.92
CA ALA A 69 -4.88 12.20 14.80
C ALA A 69 -5.19 11.43 16.08
N SER A 70 -5.46 12.16 17.16
CA SER A 70 -5.75 11.56 18.47
C SER A 70 -7.12 10.92 18.54
N VAL A 71 -8.03 11.33 17.66
CA VAL A 71 -9.45 11.01 17.80
C VAL A 71 -9.91 9.75 17.06
N GLN A 72 -9.32 9.44 15.91
CA GLN A 72 -9.60 8.18 15.22
C GLN A 72 -8.67 7.08 15.68
N TYR A 73 -9.23 5.90 15.91
CA TYR A 73 -8.50 4.79 16.51
C TYR A 73 -7.38 4.23 15.64
N VAL A 74 -7.07 4.93 14.54
CA VAL A 74 -6.06 4.46 13.57
C VAL A 74 -4.82 3.89 14.27
N GLN A 75 -4.79 2.57 14.36
CA GLN A 75 -3.70 1.82 15.00
C GLN A 75 -2.42 1.91 14.15
N THR A 76 -1.58 2.89 14.51
CA THR A 76 -0.35 3.19 13.77
C THR A 76 0.71 3.66 14.77
N LYS A 77 1.92 3.09 14.67
CA LYS A 77 3.05 3.58 15.48
C LYS A 77 3.71 4.82 14.84
N PHE A 78 3.22 5.20 13.66
CA PHE A 78 3.72 6.36 12.92
C PHE A 78 3.39 7.69 13.59
N PRO A 79 4.21 8.73 13.32
CA PRO A 79 3.82 10.10 13.67
C PRO A 79 2.65 10.53 12.79
N ALA A 80 1.90 11.56 13.21
CA ALA A 80 0.80 12.07 12.39
C ALA A 80 1.36 12.57 11.06
N TYR A 81 2.38 13.42 11.13
CA TYR A 81 3.18 13.77 9.98
C TYR A 81 4.53 13.07 10.12
N GLU A 82 4.91 12.29 9.12
CA GLU A 82 6.22 11.66 9.05
C GLU A 82 7.17 12.46 8.13
N ARG A 83 8.34 12.80 8.65
CA ARG A 83 9.41 13.36 7.83
C ARG A 83 9.88 12.31 6.82
N VAL A 84 10.00 12.71 5.57
CA VAL A 84 10.14 11.74 4.50
C VAL A 84 11.06 12.19 3.36
N VAL A 85 11.69 11.23 2.69
CA VAL A 85 12.71 11.50 1.66
C VAL A 85 12.62 10.52 0.50
N LEU A 86 12.91 10.98 -0.73
CA LEU A 86 12.97 10.07 -1.88
C LEU A 86 14.30 9.32 -1.98
N ARG A 87 14.22 8.04 -2.34
CA ARG A 87 15.41 7.20 -2.48
C ARG A 87 15.17 6.12 -3.54
N GLU A 88 16.21 5.79 -4.31
CA GLU A 88 16.07 4.65 -5.22
C GLU A 88 16.06 3.37 -4.39
N ALA A 89 15.25 2.39 -4.80
CA ALA A 89 15.12 1.14 -4.06
C ALA A 89 16.45 0.41 -4.08
N GLY A 90 16.97 0.11 -2.90
CA GLY A 90 18.30 -0.49 -2.76
C GLY A 90 18.29 -1.99 -2.71
N PHE A 91 17.16 -2.59 -3.12
CA PHE A 91 16.96 -4.03 -3.11
C PHE A 91 15.64 -4.38 -3.83
N LEU A 92 15.43 -5.65 -4.10
CA LEU A 92 14.19 -6.11 -4.71
C LEU A 92 13.07 -6.18 -3.66
N ARG A 93 12.07 -5.34 -3.80
CA ARG A 93 11.06 -5.18 -2.77
C ARG A 93 10.08 -6.36 -2.77
N PRO A 94 9.72 -6.83 -1.56
CA PRO A 94 8.70 -7.85 -1.39
C PRO A 94 7.39 -7.40 -2.03
N VAL A 95 6.57 -8.33 -2.49
CA VAL A 95 5.34 -7.99 -3.21
C VAL A 95 4.13 -8.60 -2.51
N THR A 96 3.18 -7.73 -2.16
CA THR A 96 1.94 -8.11 -1.51
C THR A 96 0.78 -7.86 -2.48
N ILE A 97 -0.06 -8.89 -2.70
CA ILE A 97 -1.19 -8.82 -3.62
C ILE A 97 -2.51 -9.04 -2.88
N PHE A 98 -3.46 -8.11 -3.05
CA PHE A 98 -4.79 -8.20 -2.43
C PHE A 98 -5.85 -8.27 -3.49
N GLY A 99 -7.00 -8.84 -3.10
CA GLY A 99 -8.17 -8.97 -3.96
C GLY A 99 -8.57 -10.41 -4.22
N PRO A 100 -9.73 -10.61 -4.88
CA PRO A 100 -10.41 -11.91 -4.88
C PRO A 100 -9.68 -13.04 -5.61
N ILE A 101 -8.57 -12.75 -6.29
CA ILE A 101 -7.75 -13.76 -6.98
C ILE A 101 -6.23 -13.66 -6.72
N ALA A 102 -5.89 -13.02 -5.61
CA ALA A 102 -4.50 -12.84 -5.21
C ALA A 102 -3.74 -14.16 -4.96
N ASP A 103 -4.46 -15.21 -4.52
CA ASP A 103 -3.83 -16.53 -4.34
C ASP A 103 -3.42 -17.15 -5.68
N VAL A 104 -4.32 -17.16 -6.65
CA VAL A 104 -4.01 -17.52 -8.02
C VAL A 104 -2.82 -16.70 -8.57
N ALA A 105 -2.89 -15.38 -8.41
CA ALA A 105 -1.80 -14.47 -8.81
C ALA A 105 -0.42 -14.87 -8.27
N ARG A 106 -0.35 -15.12 -6.95
CA ARG A 106 0.86 -15.53 -6.26
C ARG A 106 1.42 -16.83 -6.83
N GLU A 107 0.54 -17.82 -6.97
CA GLU A 107 0.88 -19.17 -7.43
C GLU A 107 1.38 -19.19 -8.87
N LYS A 108 0.68 -18.48 -9.74
CA LYS A 108 1.04 -18.35 -11.13
C LYS A 108 2.41 -17.68 -11.31
N LEU A 109 2.65 -16.60 -10.59
CA LEU A 109 3.92 -15.87 -10.72
C LEU A 109 5.13 -16.72 -10.28
N ALA A 110 4.95 -17.41 -9.16
CA ALA A 110 5.98 -18.25 -8.56
C ALA A 110 6.22 -19.49 -9.38
N ARG A 111 5.19 -19.96 -10.05
CA ARG A 111 5.30 -21.16 -10.87
C ARG A 111 6.02 -20.84 -12.20
N GLU A 112 5.58 -19.76 -12.85
CA GLU A 112 5.95 -19.45 -14.23
C GLU A 112 7.20 -18.57 -14.34
N GLU A 113 7.47 -17.76 -13.33
CA GLU A 113 8.72 -17.06 -13.25
C GLU A 113 9.45 -17.39 -11.95
N PRO A 114 9.81 -18.68 -11.75
CA PRO A 114 10.48 -19.02 -10.50
C PRO A 114 11.81 -18.30 -10.28
N ASP A 115 12.39 -17.73 -11.34
CA ASP A 115 13.65 -16.99 -11.19
C ASP A 115 13.45 -15.54 -10.74
N ILE A 116 12.25 -15.01 -10.91
CA ILE A 116 11.94 -13.66 -10.50
C ILE A 116 11.16 -13.61 -9.16
N TYR A 117 10.28 -14.58 -8.95
CA TYR A 117 9.34 -14.58 -7.82
C TYR A 117 9.46 -15.84 -7.01
N GLN A 118 9.31 -15.69 -5.69
CA GLN A 118 9.23 -16.79 -4.77
C GLN A 118 8.28 -16.46 -3.63
N ILE A 119 7.35 -17.38 -3.36
CA ILE A 119 6.44 -17.26 -2.21
C ILE A 119 7.23 -17.43 -0.92
N ALA A 120 7.21 -16.39 -0.09
CA ALA A 120 7.79 -16.44 1.24
C ALA A 120 6.89 -17.27 2.16
N LYS A 121 7.47 -18.24 2.86
CA LYS A 121 6.70 -19.03 3.82
C LYS A 121 6.18 -18.16 4.96
N SER A 122 4.97 -18.47 5.42
CA SER A 122 4.37 -17.76 6.53
C SER A 122 4.24 -18.69 7.74
N GLU A 123 4.22 -18.10 8.94
CA GLU A 123 4.10 -18.88 10.18
C GLU A 123 2.68 -19.31 10.39
N PRO A 124 2.48 -20.52 10.92
CA PRO A 124 1.11 -20.90 11.23
C PRO A 124 0.45 -19.82 12.07
N ARG A 125 -0.79 -19.50 11.77
CA ARG A 125 -1.63 -18.68 12.65
C ARG A 125 -1.86 -19.45 13.96
N ASP A 126 -1.80 -18.74 15.09
CA ASP A 126 -2.01 -19.38 16.41
C ASP A 126 -3.46 -19.45 16.88
N ALA A 127 -3.91 -20.66 17.21
CA ALA A 127 -5.28 -20.87 17.70
C ALA A 127 -5.65 -20.03 18.91
N GLY A 128 -6.56 -19.09 18.70
CA GLY A 128 -7.11 -18.27 19.78
C GLY A 128 -6.48 -16.89 19.81
N THR A 129 -6.14 -16.37 18.63
CA THR A 129 -5.57 -15.03 18.47
C THR A 129 -6.31 -14.19 17.39
N ASP A 130 -5.76 -13.01 17.08
CA ASP A 130 -6.47 -11.96 16.32
C ASP A 130 -6.69 -12.22 14.83
N GLN A 131 -7.55 -11.39 14.22
CA GLN A 131 -7.82 -11.48 12.78
C GLN A 131 -6.66 -10.89 11.98
N GLY A 135 1.71 -11.90 13.07
CA GLY A 135 3.16 -12.11 13.04
C GLY A 135 3.56 -13.24 12.11
N ILE A 136 2.73 -13.49 11.09
CA ILE A 136 2.86 -14.64 10.19
C ILE A 136 4.20 -14.79 9.42
N ILE A 137 4.60 -13.81 8.60
CA ILE A 137 5.91 -13.94 7.93
C ILE A 137 7.03 -13.21 8.70
N ARG A 138 8.05 -13.95 9.14
CA ARG A 138 9.23 -13.40 9.81
C ARG A 138 10.12 -12.64 8.84
N LEU A 139 10.88 -11.68 9.34
CA LEU A 139 11.76 -10.86 8.49
C LEU A 139 12.88 -11.66 7.82
N HIS A 140 13.49 -12.61 8.54
CA HIS A 140 14.59 -13.42 8.02
C HIS A 140 14.23 -14.16 6.73
N THR A 141 13.04 -14.78 6.71
CA THR A 141 12.52 -15.47 5.54
C THR A 141 12.52 -14.56 4.29
N ILE A 142 12.08 -13.33 4.45
CA ILE A 142 12.08 -12.35 3.36
C ILE A 142 13.50 -12.00 2.89
N LYS A 143 14.42 -11.87 3.85
CA LYS A 143 15.83 -11.58 3.58
C LYS A 143 16.50 -12.67 2.74
N GLN A 144 16.18 -13.93 3.04
CA GLN A 144 16.71 -15.07 2.27
C GLN A 144 16.34 -14.93 0.80
N ILE A 145 15.11 -14.50 0.52
CA ILE A 145 14.62 -14.38 -0.84
C ILE A 145 15.19 -13.13 -1.48
N ILE A 146 15.20 -12.02 -0.74
CA ILE A 146 15.77 -10.76 -1.22
C ILE A 146 17.22 -10.96 -1.66
N ASP A 147 17.96 -11.73 -0.87
CA ASP A 147 19.38 -11.98 -1.15
C ASP A 147 19.62 -12.89 -2.36
N GLN A 148 18.57 -13.57 -2.83
CA GLN A 148 18.66 -14.40 -4.04
C GLN A 148 18.25 -13.65 -5.30
N ASP A 149 18.21 -12.33 -5.27
CA ASP A 149 17.74 -11.51 -6.40
C ASP A 149 16.32 -11.92 -6.84
N LYS A 150 15.39 -12.00 -5.90
CA LYS A 150 14.00 -12.33 -6.22
C LYS A 150 13.07 -11.44 -5.45
N HIS A 151 11.86 -11.28 -5.97
CA HIS A 151 10.77 -10.66 -5.25
C HIS A 151 10.09 -11.68 -4.34
N ALA A 152 10.06 -11.41 -3.04
CA ALA A 152 9.27 -12.23 -2.11
C ALA A 152 7.76 -11.97 -2.25
N LEU A 153 7.02 -13.01 -2.58
CA LEU A 153 5.56 -12.92 -2.59
C LEU A 153 5.06 -13.15 -1.19
N LEU A 154 4.33 -12.19 -0.64
CA LEU A 154 3.83 -12.26 0.75
C LEU A 154 2.31 -12.45 0.87
N ASP A 155 1.90 -13.49 1.58
CA ASP A 155 0.50 -13.66 1.89
C ASP A 155 0.24 -13.09 3.28
N VAL A 156 -0.03 -11.79 3.33
CA VAL A 156 -0.13 -11.08 4.58
C VAL A 156 -1.33 -10.16 4.69
N THR A 157 -1.45 -9.58 5.87
CA THR A 157 -2.58 -8.82 6.31
C THR A 157 -2.30 -7.32 6.10
N PRO A 158 -3.36 -6.50 5.93
CA PRO A 158 -3.03 -5.10 5.78
C PRO A 158 -2.12 -4.58 6.89
N ASN A 159 -2.38 -4.98 8.12
CA ASN A 159 -1.54 -4.58 9.26
C ASN A 159 -0.07 -5.01 9.19
N ALA A 160 0.18 -6.19 8.63
CA ALA A 160 1.53 -6.61 8.33
C ALA A 160 2.21 -5.63 7.35
N VAL A 161 1.49 -5.20 6.32
CA VAL A 161 2.01 -4.22 5.36
C VAL A 161 2.42 -2.89 6.03
N ASP A 162 1.49 -2.33 6.77
CA ASP A 162 1.76 -1.19 7.65
C ASP A 162 3.07 -1.37 8.44
N ARG A 163 3.20 -2.52 9.10
CA ARG A 163 4.40 -2.83 9.88
C ARG A 163 5.65 -2.96 9.01
N LEU A 164 5.49 -3.54 7.84
CA LEU A 164 6.61 -3.62 6.91
C LEU A 164 7.04 -2.24 6.45
N ASN A 165 6.06 -1.37 6.21
CA ASN A 165 6.36 0.04 5.92
C ASN A 165 7.15 0.72 7.03
N TYR A 166 6.74 0.48 8.28
CA TYR A 166 7.41 1.05 9.45
C TYR A 166 8.85 0.55 9.64
N ALA A 167 9.09 -0.71 9.33
CA ALA A 167 10.45 -1.28 9.43
C ALA A 167 11.32 -0.98 8.20
N GLN A 168 10.81 -0.13 7.30
CA GLN A 168 11.52 0.31 6.08
C GLN A 168 11.66 -0.76 4.99
N TRP A 169 10.74 -1.72 4.95
CA TRP A 169 10.82 -2.81 3.98
C TRP A 169 9.96 -2.52 2.75
N TYR A 170 9.14 -1.49 2.84
CA TYR A 170 8.33 -0.97 1.74
C TYR A 170 7.93 -1.93 0.63
N PRO A 171 6.96 -2.82 0.91
CA PRO A 171 6.46 -3.74 -0.10
C PRO A 171 5.80 -3.01 -1.26
N ILE A 172 5.81 -3.67 -2.42
CA ILE A 172 4.98 -3.28 -3.53
C ILE A 172 3.63 -3.89 -3.22
N VAL A 173 2.58 -3.07 -3.11
CA VAL A 173 1.26 -3.53 -2.75
C VAL A 173 0.27 -3.35 -3.92
N VAL A 174 -0.11 -4.46 -4.54
CA VAL A 174 -1.00 -4.41 -5.70
C VAL A 174 -2.40 -4.83 -5.28
N PHE A 175 -3.39 -4.03 -5.64
CA PHE A 175 -4.77 -4.40 -5.48
C PHE A 175 -5.37 -4.86 -6.82
N LEU A 176 -6.01 -6.02 -6.80
CA LEU A 176 -6.69 -6.48 -7.99
C LEU A 176 -8.16 -6.21 -7.77
N ASN A 177 -8.70 -5.29 -8.55
CA ASN A 177 -10.06 -4.85 -8.32
C ASN A 177 -11.07 -5.67 -9.16
N PRO A 178 -12.04 -6.31 -8.49
CA PRO A 178 -13.04 -7.11 -9.17
C PRO A 178 -14.13 -6.26 -9.82
N ASP A 179 -14.63 -6.74 -10.96
CA ASP A 179 -15.80 -6.10 -11.57
C ASP A 179 -17.07 -6.36 -10.75
N SER A 180 -17.31 -7.61 -10.36
CA SER A 180 -18.53 -8.00 -9.62
C SER A 180 -18.38 -9.34 -8.91
N LYS A 181 -19.33 -9.67 -8.02
CA LYS A 181 -19.33 -10.96 -7.34
C LYS A 181 -19.33 -12.07 -8.36
N GLN A 182 -20.25 -11.96 -9.34
CA GLN A 182 -20.35 -12.88 -10.47
C GLN A 182 -19.03 -13.02 -11.20
N GLY A 183 -18.38 -11.88 -11.45
CA GLY A 183 -17.05 -11.82 -12.06
C GLY A 183 -16.07 -12.71 -11.32
N VAL A 184 -16.13 -12.62 -10.00
CA VAL A 184 -15.25 -13.38 -9.13
C VAL A 184 -15.53 -14.86 -9.30
N LYS A 185 -16.80 -15.24 -9.17
CA LYS A 185 -17.22 -16.61 -9.39
C LYS A 185 -16.72 -17.16 -10.73
N THR A 186 -16.97 -16.43 -11.81
CA THR A 186 -16.52 -16.80 -13.15
C THR A 186 -15.00 -16.97 -13.27
N MET A 187 -14.23 -16.00 -12.79
CA MET A 187 -12.75 -16.10 -12.77
C MET A 187 -12.25 -17.31 -11.96
N ARG A 188 -12.90 -17.59 -10.83
CA ARG A 188 -12.48 -18.71 -9.99
C ARG A 188 -12.74 -20.07 -10.65
N MET A 189 -13.85 -20.17 -11.39
CA MET A 189 -14.21 -21.43 -12.06
C MET A 189 -13.14 -21.76 -13.08
N ARG A 190 -12.71 -20.73 -13.83
CA ARG A 190 -11.72 -20.85 -14.89
C ARG A 190 -10.31 -21.02 -14.36
N LEU A 191 -9.97 -20.31 -13.27
CA LEU A 191 -8.58 -20.31 -12.78
C LEU A 191 -8.23 -21.27 -11.62
N CYS A 192 -9.20 -21.64 -10.80
CA CYS A 192 -8.96 -22.53 -9.67
C CYS A 192 -10.23 -23.32 -9.30
N PRO A 193 -10.68 -24.21 -10.18
CA PRO A 193 -11.93 -24.89 -9.84
C PRO A 193 -11.82 -25.80 -8.59
N GLU A 194 -10.60 -26.16 -8.20
CA GLU A 194 -10.40 -27.01 -7.01
C GLU A 194 -10.54 -26.23 -5.69
N SER A 195 -10.35 -24.91 -5.76
CA SER A 195 -10.49 -24.04 -4.59
C SER A 195 -11.85 -24.11 -3.88
N ARG A 196 -11.75 -24.21 -2.56
CA ARG A 196 -12.89 -24.28 -1.63
C ARG A 196 -13.33 -22.90 -1.11
N LYS A 197 -12.55 -21.85 -1.40
CA LYS A 197 -12.87 -20.50 -0.93
C LYS A 197 -14.17 -19.94 -1.52
N SER A 198 -14.85 -19.09 -0.78
CA SER A 198 -16.14 -18.57 -1.18
C SER A 198 -16.00 -17.27 -1.99
N ALA A 199 -16.61 -17.24 -3.19
CA ALA A 199 -16.59 -16.03 -4.05
C ALA A 199 -17.23 -14.84 -3.35
N ARG A 200 -18.35 -15.07 -2.68
CA ARG A 200 -18.98 -14.01 -1.89
C ARG A 200 -18.03 -13.47 -0.81
N LYS A 201 -17.47 -14.35 0.00
CA LYS A 201 -16.52 -13.96 1.04
C LYS A 201 -15.37 -13.11 0.46
N LEU A 202 -14.81 -13.58 -0.65
CA LEU A 202 -13.68 -12.89 -1.29
C LEU A 202 -14.09 -11.55 -1.88
N TYR A 203 -15.28 -11.49 -2.44
CA TYR A 203 -15.77 -10.23 -2.96
C TYR A 203 -16.01 -9.23 -1.82
N GLU A 204 -16.68 -9.67 -0.75
CA GLU A 204 -16.93 -8.81 0.42
C GLU A 204 -15.61 -8.38 1.07
N ARG A 205 -14.62 -9.27 1.07
CA ARG A 205 -13.33 -8.94 1.64
C ARG A 205 -12.60 -7.84 0.84
N SER A 206 -12.66 -7.91 -0.49
CA SER A 206 -12.15 -6.85 -1.35
C SER A 206 -12.82 -5.48 -1.17
N HIS A 207 -14.13 -5.48 -0.96
CA HIS A 207 -14.89 -4.24 -0.73
C HIS A 207 -14.40 -3.60 0.57
N LYS A 208 -14.30 -4.41 1.62
CA LYS A 208 -13.66 -4.02 2.86
C LYS A 208 -12.23 -3.50 2.64
N LEU A 209 -11.43 -4.23 1.85
CA LEU A 209 -10.07 -3.82 1.60
C LEU A 209 -10.02 -2.44 0.94
N ARG A 210 -10.74 -2.29 -0.17
CA ARG A 210 -10.78 -1.03 -0.91
C ARG A 210 -11.23 0.18 -0.08
N LYS A 211 -12.24 -0.03 0.77
CA LYS A 211 -12.88 1.05 1.51
C LYS A 211 -12.04 1.53 2.73
N ASN A 212 -11.52 0.57 3.51
CA ASN A 212 -10.77 0.88 4.74
C ASN A 212 -9.27 0.96 4.58
N ASN A 213 -8.73 0.43 3.49
CA ASN A 213 -7.31 0.12 3.40
C ASN A 213 -6.63 0.56 2.11
N HIS A 214 -7.35 1.31 1.28
CA HIS A 214 -6.85 1.65 -0.05
C HIS A 214 -5.51 2.37 0.02
N HIS A 215 -5.32 3.12 1.10
CA HIS A 215 -4.12 3.90 1.36
C HIS A 215 -2.80 3.10 1.44
N LEU A 216 -2.85 1.78 1.50
CA LEU A 216 -1.63 0.96 1.47
C LEU A 216 -1.28 0.53 0.05
N PHE A 217 -2.24 0.63 -0.87
CA PHE A 217 -2.04 0.13 -2.21
C PHE A 217 -0.97 0.97 -2.83
N THR A 218 -0.03 0.33 -3.49
CA THR A 218 0.97 1.02 -4.26
C THR A 218 0.45 1.21 -5.69
N THR A 219 -0.46 0.33 -6.13
CA THR A 219 -0.96 0.34 -7.50
C THR A 219 -2.19 -0.57 -7.59
N THR A 220 -3.05 -0.33 -8.58
CA THR A 220 -4.32 -1.05 -8.72
C THR A 220 -4.53 -1.50 -10.14
N ILE A 221 -4.89 -2.77 -10.32
CA ILE A 221 -5.30 -3.28 -11.62
C ILE A 221 -6.78 -3.68 -11.56
N ASN A 222 -7.56 -3.17 -12.50
CA ASN A 222 -8.97 -3.56 -12.60
C ASN A 222 -9.13 -4.88 -13.35
N LEU A 223 -9.85 -5.84 -12.75
CA LEU A 223 -10.07 -7.15 -13.37
C LEU A 223 -11.18 -7.15 -14.40
N ASN A 224 -10.89 -7.71 -15.58
CA ASN A 224 -11.95 -8.11 -16.50
C ASN A 224 -12.18 -9.62 -16.38
N SER A 225 -13.33 -10.00 -15.86
CA SER A 225 -13.64 -11.42 -15.63
C SER A 225 -13.75 -12.23 -16.93
N MET A 226 -13.91 -11.55 -18.05
CA MET A 226 -13.97 -12.22 -19.35
C MET A 226 -12.66 -12.90 -19.75
N ASN A 227 -11.53 -12.31 -19.32
CA ASN A 227 -10.21 -12.68 -19.87
C ASN A 227 -9.07 -12.64 -18.86
N ASP A 228 -7.93 -13.20 -19.24
CA ASP A 228 -6.81 -13.27 -18.31
C ASP A 228 -5.68 -12.24 -18.55
N GLY A 229 -6.08 -11.09 -19.11
CA GLY A 229 -5.20 -9.94 -19.32
C GLY A 229 -4.62 -9.33 -18.04
N TRP A 230 -5.32 -9.52 -16.90
CA TRP A 230 -4.88 -9.01 -15.58
C TRP A 230 -3.48 -9.50 -15.23
N TYR A 231 -3.14 -10.70 -15.71
CA TYR A 231 -1.87 -11.36 -15.41
C TYR A 231 -0.65 -10.68 -16.08
N GLY A 232 -0.70 -10.50 -17.40
CA GLY A 232 0.30 -9.70 -18.12
C GLY A 232 0.50 -8.31 -17.50
N ALA A 233 -0.62 -7.70 -17.09
CA ALA A 233 -0.58 -6.38 -16.44
C ALA A 233 -0.05 -6.42 -15.01
N LEU A 234 -0.18 -7.57 -14.34
CA LEU A 234 0.39 -7.72 -13.02
C LEU A 234 1.90 -7.69 -13.14
N LYS A 235 2.43 -8.45 -14.09
CA LYS A 235 3.88 -8.55 -14.32
C LYS A 235 4.51 -7.22 -14.68
N GLU A 236 3.82 -6.42 -15.49
CA GLU A 236 4.35 -5.10 -15.83
C GLU A 236 4.30 -4.10 -14.70
N ALA A 237 3.18 -4.10 -13.96
CA ALA A 237 2.98 -3.23 -12.80
C ALA A 237 4.05 -3.41 -11.72
N ILE A 238 4.42 -4.66 -11.42
CA ILE A 238 5.43 -4.92 -10.40
C ILE A 238 6.81 -4.42 -10.84
N GLN A 239 7.18 -4.70 -12.09
CA GLN A 239 8.42 -4.19 -12.68
C GLN A 239 8.40 -2.66 -12.64
N GLN A 240 7.32 -2.03 -13.10
CA GLN A 240 7.20 -0.56 -13.07
C GLN A 240 7.36 -0.01 -11.65
N GLN A 241 6.63 -0.58 -10.69
CA GLN A 241 6.74 -0.23 -9.26
C GLN A 241 8.15 -0.38 -8.71
N GLN A 242 8.79 -1.50 -8.97
CA GLN A 242 10.16 -1.72 -8.52
C GLN A 242 11.10 -0.61 -9.04
N ASN A 243 10.75 -0.01 -10.17
CA ASN A 243 11.62 1.01 -10.79
C ASN A 243 11.35 2.45 -10.41
N GLN A 244 10.36 2.68 -9.56
CA GLN A 244 10.09 3.98 -8.98
C GLN A 244 10.99 4.22 -7.78
N LEU A 245 11.32 5.49 -7.55
CA LEU A 245 11.92 5.94 -6.30
C LEU A 245 10.89 5.74 -5.18
N VAL A 246 11.37 5.53 -3.96
CA VAL A 246 10.51 5.28 -2.80
C VAL A 246 10.57 6.44 -1.82
N TRP A 247 9.43 6.80 -1.25
CA TRP A 247 9.44 7.72 -0.11
C TRP A 247 9.80 6.94 1.16
N VAL A 248 10.91 7.34 1.75
CA VAL A 248 11.52 6.64 2.87
C VAL A 248 11.57 7.64 4.05
N SER A 249 11.48 7.13 5.28
CA SER A 249 11.61 7.99 6.47
C SER A 249 12.95 8.69 6.47
N GLU A 250 12.94 9.99 6.74
CA GLU A 250 14.18 10.75 6.83
C GLU A 250 14.86 10.40 8.15
N GLY A 251 16.16 10.68 8.25
CA GLY A 251 16.96 10.33 9.42
C GLY A 251 17.59 8.95 9.31
#